data_2XM5
#
_entry.id   2XM5
#
_cell.length_a   135.450
_cell.length_b   135.450
_cell.length_c   99.340
_cell.angle_alpha   90.00
_cell.angle_beta   90.00
_cell.angle_gamma   90.00
#
_symmetry.space_group_name_H-M   'I 41 2 2'
#
loop_
_entity.id
_entity.type
_entity.pdbx_description
1 polymer CLOQ
2 non-polymer 1,2-ETHANEDIOL
3 non-polymer 'FORMIC ACID'
4 water water
#
_entity_poly.entity_id   1
_entity_poly.type   'polypeptide(L)'
_entity_poly.pdbx_seq_one_letter_code
;GSHMPALPIDQEFDCERFRADIRATAAAIGAPIAHRLTDTVLEAFRDNFAQGATLWKTTSQPGDQLSYRFFSRLKMDTVS
RAIDAGLLDAAHPTLAVVDAWSSLYGGAPVQSGDFDAGRGMAKTWLYFGGLRPAEDILTVPALPASVQARLKDFLALGLA
HVRFAAVDWRHHSANVYFRGKGPLDTVQFARIHALSGSTPPAAHVVEEVLAYMPEDYSVAITLDLHSGDIERVCFYALKV
PKNALPRIPTRIARFLEVAPSHDVEECNVIGWSFGRSGDYVKAERSYTGNMAEILAGWNCFFHGEEGRDHDLRALHQHTE
STMGGAR
;
_entity_poly.pdbx_strand_id   A
#
loop_
_chem_comp.id
_chem_comp.type
_chem_comp.name
_chem_comp.formula
EDO non-polymer 1,2-ETHANEDIOL 'C2 H6 O2'
FMT non-polymer 'FORMIC ACID' 'C H2 O2'
#
# COMPACT_ATOMS: atom_id res chain seq x y z
N PRO A 8 -14.75 -14.17 20.11
CA PRO A 8 -15.81 -13.16 20.00
C PRO A 8 -16.48 -13.12 18.61
N ILE A 9 -17.66 -12.51 18.55
CA ILE A 9 -18.34 -12.24 17.27
C ILE A 9 -18.52 -10.71 16.99
N ASP A 10 -18.13 -9.85 17.94
CA ASP A 10 -18.28 -8.38 17.81
C ASP A 10 -17.15 -7.72 16.98
N GLN A 11 -17.24 -6.39 16.84
CA GLN A 11 -16.39 -5.63 15.91
C GLN A 11 -14.95 -5.41 16.38
N GLU A 12 -14.71 -5.59 17.68
CA GLU A 12 -13.49 -5.14 18.31
C GLU A 12 -12.32 -6.10 18.03
N PHE A 13 -11.11 -5.56 17.87
CA PHE A 13 -9.92 -6.42 17.79
C PHE A 13 -9.72 -7.31 19.02
N ASP A 14 -9.50 -8.60 18.78
CA ASP A 14 -9.20 -9.58 19.82
C ASP A 14 -8.04 -10.43 19.32
N CYS A 15 -6.96 -10.49 20.09
CA CYS A 15 -5.72 -11.07 19.60
C CYS A 15 -5.84 -12.55 19.36
N GLU A 16 -6.54 -13.28 20.25
CA GLU A 16 -6.70 -14.74 20.03
C GLU A 16 -7.51 -15.08 18.79
N ARG A 17 -8.63 -14.38 18.60
CA ARG A 17 -9.40 -14.54 17.36
C ARG A 17 -8.53 -14.22 16.09
N PHE A 18 -7.70 -13.19 16.19
CA PHE A 18 -6.81 -12.83 15.06
C PHE A 18 -5.82 -13.94 14.71
N ARG A 19 -5.21 -14.57 15.72
CA ARG A 19 -4.35 -15.72 15.51
CA ARG A 19 -4.35 -15.72 15.51
C ARG A 19 -5.08 -16.79 14.72
N ALA A 20 -6.32 -17.10 15.14
CA ALA A 20 -7.10 -18.13 14.49
C ALA A 20 -7.46 -17.70 13.04
N ASP A 21 -7.80 -16.45 12.86
CA ASP A 21 -8.22 -15.97 11.55
C ASP A 21 -7.03 -15.93 10.57
N ILE A 22 -5.84 -15.58 11.03
CA ILE A 22 -4.62 -15.69 10.15
C ILE A 22 -4.42 -17.12 9.68
N ARG A 23 -4.43 -18.09 10.60
CA ARG A 23 -4.26 -19.48 10.21
CA ARG A 23 -4.26 -19.48 10.20
C ARG A 23 -5.35 -19.94 9.26
N ALA A 24 -6.60 -19.60 9.60
CA ALA A 24 -7.70 -20.04 8.78
C ALA A 24 -7.67 -19.45 7.39
N THR A 25 -7.45 -18.15 7.32
CA THR A 25 -7.49 -17.46 6.04
C THR A 25 -6.31 -17.94 5.16
N ALA A 26 -5.15 -18.14 5.75
CA ALA A 26 -4.00 -18.65 5.02
C ALA A 26 -4.29 -20.01 4.44
N ALA A 27 -4.86 -20.91 5.23
CA ALA A 27 -5.26 -22.23 4.71
C ALA A 27 -6.29 -22.11 3.60
N ALA A 28 -7.29 -21.22 3.79
CA ALA A 28 -8.39 -21.08 2.81
C ALA A 28 -7.85 -20.69 1.41
N ILE A 29 -6.87 -19.79 1.35
CA ILE A 29 -6.34 -19.32 0.06
C ILE A 29 -5.08 -20.07 -0.40
N GLY A 30 -4.61 -21.04 0.39
CA GLY A 30 -3.46 -21.87 0.00
C GLY A 30 -2.15 -21.11 0.12
N ALA A 31 -2.05 -20.26 1.14
CA ALA A 31 -0.85 -19.53 1.47
C ALA A 31 -0.03 -20.21 2.55
N PRO A 32 1.30 -20.00 2.54
CA PRO A 32 2.14 -20.57 3.62
C PRO A 32 1.91 -19.98 4.97
N ILE A 33 2.32 -20.72 6.00
CA ILE A 33 2.15 -20.25 7.36
C ILE A 33 3.41 -20.53 8.19
N ALA A 34 3.80 -19.54 8.98
CA ALA A 34 4.95 -19.60 9.90
C ALA A 34 4.40 -19.33 11.26
N HIS A 35 4.16 -20.39 12.04
CA HIS A 35 3.38 -20.26 13.31
C HIS A 35 4.07 -19.44 14.34
N ARG A 36 5.31 -19.80 14.62
CA ARG A 36 6.07 -19.12 15.67
C ARG A 36 6.35 -17.68 15.29
N LEU A 37 6.66 -17.46 14.01
CA LEU A 37 6.97 -16.12 13.55
C LEU A 37 5.75 -15.21 13.69
N THR A 38 4.59 -15.71 13.29
CA THR A 38 3.33 -14.97 13.46
C THR A 38 3.05 -14.61 14.93
N ASP A 39 3.24 -15.58 15.83
CA ASP A 39 3.13 -15.27 17.27
C ASP A 39 4.05 -14.15 17.74
N THR A 40 5.26 -14.11 17.18
CA THR A 40 6.23 -13.10 17.54
C THR A 40 5.75 -11.72 17.06
N VAL A 41 5.22 -11.66 15.84
CA VAL A 41 4.67 -10.41 15.31
C VAL A 41 3.54 -9.94 16.19
N LEU A 42 2.62 -10.84 16.48
CA LEU A 42 1.43 -10.47 17.27
C LEU A 42 1.81 -10.00 18.70
N GLU A 43 2.78 -10.64 19.31
CA GLU A 43 3.25 -10.22 20.64
C GLU A 43 3.93 -8.84 20.58
N ALA A 44 4.75 -8.62 19.54
CA ALA A 44 5.48 -7.35 19.45
C ALA A 44 4.60 -6.15 19.09
N PHE A 45 3.56 -6.37 18.29
CA PHE A 45 2.71 -5.31 17.77
C PHE A 45 1.21 -5.39 18.16
N ARG A 46 0.91 -6.13 19.22
CA ARG A 46 -0.50 -6.27 19.69
C ARG A 46 -1.22 -4.94 19.87
N ASP A 47 -0.61 -3.98 20.57
CA ASP A 47 -1.21 -2.69 20.83
C ASP A 47 -1.43 -1.90 19.53
N ASN A 48 -0.51 -2.03 18.58
CA ASN A 48 -0.64 -1.35 17.28
C ASN A 48 -1.84 -1.93 16.53
N PHE A 49 -1.96 -3.25 16.49
CA PHE A 49 -3.13 -3.87 15.88
C PHE A 49 -4.42 -3.49 16.62
N ALA A 50 -4.38 -3.46 17.96
CA ALA A 50 -5.59 -3.18 18.75
C ALA A 50 -6.10 -1.75 18.55
N GLN A 51 -5.21 -0.77 18.48
CA GLN A 51 -5.57 0.64 18.42
C GLN A 51 -5.74 1.15 17.00
N GLY A 52 -5.12 0.47 16.05
CA GLY A 52 -5.21 0.85 14.63
C GLY A 52 -6.30 0.18 13.86
N ALA A 53 -6.23 0.31 12.53
CA ALA A 53 -7.06 -0.48 11.65
C ALA A 53 -6.25 -1.68 11.22
N THR A 54 -6.75 -2.87 11.48
CA THR A 54 -6.08 -4.12 11.04
C THR A 54 -6.81 -4.63 9.82
N LEU A 55 -6.07 -5.10 8.80
CA LEU A 55 -6.69 -5.51 7.56
C LEU A 55 -5.86 -6.56 6.86
N TRP A 56 -6.48 -7.22 5.88
CA TRP A 56 -5.91 -8.32 5.13
C TRP A 56 -5.51 -7.87 3.72
N LYS A 57 -4.54 -8.57 3.14
CA LYS A 57 -4.11 -8.32 1.75
C LYS A 57 -3.59 -9.57 1.12
N THR A 58 -3.86 -9.77 -0.17
CA THR A 58 -3.11 -10.76 -0.95
C THR A 58 -3.10 -10.35 -2.43
N THR A 59 -2.57 -11.19 -3.29
CA THR A 59 -2.59 -10.95 -4.73
C THR A 59 -3.12 -12.16 -5.47
N SER A 60 -3.30 -12.02 -6.77
CA SER A 60 -3.78 -13.10 -7.59
C SER A 60 -2.69 -14.12 -7.96
N GLN A 61 -1.45 -13.90 -7.55
CA GLN A 61 -0.40 -14.87 -7.87
C GLN A 61 -0.68 -16.18 -7.13
N PRO A 62 -0.66 -17.32 -7.84
CA PRO A 62 -0.96 -18.60 -7.17
C PRO A 62 -0.06 -18.82 -5.96
N GLY A 63 -0.66 -19.21 -4.85
CA GLY A 63 0.08 -19.41 -3.58
C GLY A 63 0.63 -18.20 -2.89
N ASP A 64 0.25 -16.99 -3.30
CA ASP A 64 0.88 -15.85 -2.70
C ASP A 64 0.55 -15.75 -1.23
N GLN A 65 1.41 -15.06 -0.50
CA GLN A 65 1.26 -14.88 0.94
C GLN A 65 -0.10 -14.25 1.30
N LEU A 66 -0.63 -14.64 2.44
CA LEU A 66 -1.64 -13.84 3.09
C LEU A 66 -0.90 -12.79 3.86
N SER A 67 -1.18 -11.51 3.60
CA SER A 67 -0.58 -10.45 4.37
C SER A 67 -1.61 -9.84 5.32
N TYR A 68 -1.10 -9.25 6.38
CA TYR A 68 -1.92 -8.57 7.37
C TYR A 68 -1.19 -7.31 7.77
N ARG A 69 -1.96 -6.24 7.97
CA ARG A 69 -1.39 -4.93 8.18
C ARG A 69 -2.09 -4.24 9.33
N PHE A 70 -1.36 -3.40 10.05
CA PHE A 70 -1.98 -2.35 10.83
C PHE A 70 -1.70 -1.00 10.20
N PHE A 71 -2.77 -0.21 10.02
CA PHE A 71 -2.63 1.21 9.79
C PHE A 71 -2.75 1.91 11.13
N SER A 72 -1.76 2.73 11.46
CA SER A 72 -1.52 3.16 12.82
C SER A 72 -2.42 4.28 13.31
N ARG A 73 -2.94 4.14 14.54
CA ARG A 73 -3.36 5.27 15.35
C ARG A 73 -2.34 5.55 16.44
N LEU A 74 -1.73 4.49 16.98
CA LEU A 74 -0.65 4.64 17.93
C LEU A 74 0.65 5.05 17.20
N LYS A 75 1.19 6.23 17.50
CA LYS A 75 2.40 6.73 16.81
C LYS A 75 3.61 6.29 17.61
N MET A 76 4.47 5.49 16.98
CA MET A 76 5.65 4.98 17.67
C MET A 76 6.69 4.52 16.67
N ASP A 77 7.88 4.17 17.17
CA ASP A 77 8.99 3.74 16.32
C ASP A 77 8.78 2.25 16.10
N THR A 78 7.99 1.92 15.08
CA THR A 78 7.72 0.52 14.73
C THR A 78 8.93 -0.25 14.23
N VAL A 79 9.85 0.44 13.59
CA VAL A 79 11.06 -0.21 13.05
C VAL A 79 11.95 -0.67 14.22
N SER A 80 12.16 0.19 15.20
CA SER A 80 12.91 -0.20 16.41
C SER A 80 12.26 -1.39 17.13
N ARG A 81 10.94 -1.43 17.18
CA ARG A 81 10.23 -2.51 17.82
C ARG A 81 10.46 -3.80 17.06
N ALA A 82 10.40 -3.70 15.74
CA ALA A 82 10.62 -4.86 14.87
C ALA A 82 12.04 -5.39 15.07
N ILE A 83 13.01 -4.50 15.14
CA ILE A 83 14.39 -4.95 15.39
C ILE A 83 14.51 -5.59 16.78
N ASP A 84 13.93 -4.95 17.79
CA ASP A 84 13.91 -5.49 19.17
C ASP A 84 13.42 -6.93 19.17
N ALA A 85 12.38 -7.21 18.38
CA ALA A 85 11.74 -8.50 18.39
C ALA A 85 12.39 -9.55 17.48
N GLY A 86 13.49 -9.24 16.78
CA GLY A 86 14.15 -10.20 15.90
C GLY A 86 13.43 -10.34 14.58
N LEU A 87 12.62 -9.35 14.20
CA LEU A 87 11.80 -9.42 12.97
C LEU A 87 12.43 -8.69 11.79
N LEU A 88 13.44 -7.86 12.07
CA LEU A 88 14.14 -7.08 11.08
C LEU A 88 15.62 -6.99 11.50
N ASP A 89 16.51 -7.23 10.55
CA ASP A 89 17.99 -7.14 10.80
C ASP A 89 18.41 -5.75 11.23
N ALA A 90 19.13 -5.66 12.36
CA ALA A 90 19.67 -4.38 12.86
C ALA A 90 20.65 -3.70 11.88
N ALA A 91 21.21 -4.46 10.95
CA ALA A 91 22.11 -3.91 9.93
C ALA A 91 21.48 -3.72 8.55
N HIS A 92 20.15 -3.79 8.46
CA HIS A 92 19.51 -3.72 7.17
C HIS A 92 19.89 -2.43 6.44
N PRO A 93 20.32 -2.54 5.18
CA PRO A 93 20.82 -1.38 4.49
C PRO A 93 19.76 -0.32 4.14
N THR A 94 18.48 -0.68 4.21
CA THR A 94 17.39 0.28 3.95
C THR A 94 17.00 1.10 5.19
N LEU A 95 17.57 0.82 6.35
CA LEU A 95 17.20 1.54 7.55
C LEU A 95 17.46 3.06 7.42
N ALA A 96 18.57 3.45 6.79
CA ALA A 96 18.91 4.89 6.71
C ALA A 96 17.84 5.70 5.96
N VAL A 97 17.34 5.16 4.87
CA VAL A 97 16.26 5.82 4.08
C VAL A 97 14.97 5.93 4.92
N VAL A 98 14.61 4.85 5.59
CA VAL A 98 13.42 4.86 6.44
C VAL A 98 13.55 5.84 7.58
N ASP A 99 14.74 5.92 8.19
CA ASP A 99 14.97 6.91 9.24
C ASP A 99 14.83 8.36 8.69
N ALA A 100 15.39 8.59 7.52
CA ALA A 100 15.39 9.93 6.87
C ALA A 100 13.97 10.35 6.56
N TRP A 101 13.20 9.46 5.93
CA TRP A 101 11.78 9.74 5.66
C TRP A 101 10.96 9.94 6.93
N SER A 102 11.20 9.13 7.97
CA SER A 102 10.45 9.26 9.21
C SER A 102 10.77 10.58 9.92
N SER A 103 11.96 11.10 9.67
CA SER A 103 12.39 12.30 10.40
C SER A 103 11.96 13.59 9.74
N LEU A 104 11.50 13.53 8.50
CA LEU A 104 11.07 14.73 7.78
C LEU A 104 9.97 15.48 8.51
N TYR A 105 9.88 16.79 8.28
CA TYR A 105 8.80 17.62 8.85
C TYR A 105 8.73 17.50 10.34
N GLY A 106 9.89 17.48 10.99
CA GLY A 106 9.98 17.48 12.44
C GLY A 106 9.40 16.20 13.05
N GLY A 107 9.37 15.13 12.25
CA GLY A 107 8.85 13.85 12.72
C GLY A 107 7.36 13.65 12.57
N ALA A 108 6.73 14.40 11.68
CA ALA A 108 5.28 14.28 11.44
C ALA A 108 4.88 12.92 10.85
N PRO A 109 5.73 12.31 10.00
CA PRO A 109 5.23 11.07 9.40
C PRO A 109 4.94 9.99 10.44
N VAL A 110 3.97 9.13 10.12
CA VAL A 110 3.57 8.02 10.99
C VAL A 110 3.78 6.68 10.29
N GLN A 111 4.48 5.79 11.00
CA GLN A 111 4.74 4.42 10.53
C GLN A 111 3.58 3.47 10.81
N SER A 112 3.30 2.63 9.80
CA SER A 112 2.41 1.48 9.87
C SER A 112 3.21 0.24 9.42
N GLY A 113 2.64 -0.95 9.53
CA GLY A 113 3.40 -2.18 9.29
C GLY A 113 2.59 -3.23 8.58
N ASP A 114 3.27 -3.94 7.68
CA ASP A 114 2.72 -4.96 6.84
CA ASP A 114 2.68 -5.01 6.86
C ASP A 114 3.51 -6.25 7.13
N PHE A 115 2.82 -7.36 7.25
CA PHE A 115 3.40 -8.66 7.56
C PHE A 115 2.84 -9.76 6.69
N ASP A 116 3.62 -10.83 6.44
CA ASP A 116 3.15 -11.98 5.71
C ASP A 116 3.02 -13.17 6.70
N ALA A 117 1.93 -13.91 6.61
CA ALA A 117 1.70 -15.06 7.48
C ALA A 117 2.84 -16.07 7.40
N GLY A 118 3.51 -16.14 6.24
CA GLY A 118 4.55 -17.16 6.05
C GLY A 118 5.97 -16.65 6.17
N ARG A 119 6.16 -15.33 6.31
CA ARG A 119 7.49 -14.68 6.27
C ARG A 119 7.74 -13.57 7.26
N GLY A 120 6.75 -13.17 8.05
CA GLY A 120 6.94 -12.16 9.06
C GLY A 120 6.90 -10.74 8.51
N MET A 121 7.79 -9.86 8.97
CA MET A 121 7.74 -8.45 8.59
C MET A 121 8.00 -8.29 7.09
N ALA A 122 7.14 -7.54 6.41
CA ALA A 122 7.23 -7.41 4.96
C ALA A 122 7.56 -5.97 4.61
N LYS A 123 6.76 -5.02 5.12
CA LYS A 123 6.92 -3.60 4.73
C LYS A 123 6.68 -2.67 5.87
N THR A 124 7.39 -1.54 5.81
CA THR A 124 7.09 -0.41 6.69
C THR A 124 6.46 0.69 5.84
N TRP A 125 5.26 1.10 6.24
N TRP A 125 5.29 1.17 6.27
CA TRP A 125 4.56 2.17 5.56
CA TRP A 125 4.47 2.13 5.52
C TRP A 125 4.82 3.47 6.29
C TRP A 125 4.49 3.47 6.24
N LEU A 126 4.86 4.55 5.52
CA LEU A 126 4.87 5.90 6.07
C LEU A 126 3.72 6.68 5.48
N TYR A 127 2.89 7.27 6.32
CA TYR A 127 1.99 8.32 5.91
C TYR A 127 2.66 9.63 6.28
N PHE A 128 2.82 10.52 5.31
CA PHE A 128 3.67 11.71 5.49
C PHE A 128 2.93 12.94 6.03
N GLY A 129 1.63 12.83 6.22
CA GLY A 129 0.85 13.90 6.89
C GLY A 129 0.36 15.00 5.95
N GLY A 130 0.37 14.76 4.66
CA GLY A 130 -0.08 15.79 3.70
C GLY A 130 0.42 15.54 2.31
N LEU A 131 0.18 16.51 1.41
CA LEU A 131 0.67 16.46 0.06
C LEU A 131 2.11 16.95 -0.01
N ARG A 132 3.06 16.03 0.06
CA ARG A 132 4.45 16.43 0.23
C ARG A 132 5.12 16.58 -1.11
N PRO A 133 5.84 17.69 -1.33
CA PRO A 133 6.59 17.76 -2.59
C PRO A 133 7.47 16.53 -2.84
N ALA A 134 7.42 15.98 -4.06
CA ALA A 134 8.20 14.81 -4.43
C ALA A 134 9.69 15.03 -4.14
N GLU A 135 10.15 16.27 -4.34
CA GLU A 135 11.54 16.61 -4.08
C GLU A 135 11.94 16.34 -2.65
N ASP A 136 11.08 16.65 -1.69
CA ASP A 136 11.41 16.44 -0.27
C ASP A 136 11.70 14.95 0.03
N ILE A 137 10.93 14.07 -0.62
CA ILE A 137 11.04 12.63 -0.41
C ILE A 137 12.20 12.01 -1.23
N LEU A 138 12.35 12.42 -2.47
CA LEU A 138 13.29 11.77 -3.38
C LEU A 138 14.72 12.33 -3.35
N THR A 139 14.96 13.39 -2.57
CA THR A 139 16.33 13.95 -2.49
C THR A 139 16.92 13.96 -1.10
N VAL A 140 16.39 13.14 -0.18
CA VAL A 140 17.06 12.95 1.12
C VAL A 140 18.47 12.38 0.88
N PRO A 141 19.48 12.86 1.64
CA PRO A 141 20.85 12.41 1.34
C PRO A 141 21.05 10.90 1.44
N ALA A 142 20.21 10.21 2.22
CA ALA A 142 20.28 8.74 2.28
C ALA A 142 20.03 8.05 0.93
N LEU A 143 19.36 8.71 -0.02
CA LEU A 143 19.12 8.07 -1.33
C LEU A 143 20.27 8.30 -2.29
N PRO A 144 20.66 7.27 -3.04
CA PRO A 144 21.73 7.47 -4.01
C PRO A 144 21.33 8.33 -5.18
N ALA A 145 22.35 8.82 -5.91
CA ALA A 145 22.15 9.68 -7.08
C ALA A 145 21.20 9.05 -8.09
N SER A 146 21.33 7.76 -8.33
CA SER A 146 20.49 7.09 -9.33
C SER A 146 18.99 7.10 -8.99
N VAL A 147 18.67 7.11 -7.70
CA VAL A 147 17.27 7.24 -7.24
C VAL A 147 16.83 8.69 -7.31
N GLN A 148 17.65 9.59 -6.81
CA GLN A 148 17.33 11.03 -6.88
C GLN A 148 17.11 11.54 -8.29
N ALA A 149 17.81 10.95 -9.26
CA ALA A 149 17.66 11.27 -10.68
C ALA A 149 16.28 11.02 -11.26
N ARG A 150 15.50 10.14 -10.63
CA ARG A 150 14.14 9.89 -11.12
C ARG A 150 13.13 11.01 -10.82
N LEU A 151 13.49 11.91 -9.90
CA LEU A 151 12.62 13.02 -9.55
C LEU A 151 12.15 13.76 -10.81
N LYS A 152 13.08 14.06 -11.72
CA LYS A 152 12.70 14.84 -12.90
C LYS A 152 11.69 14.07 -13.77
N ASP A 153 11.77 12.74 -13.76
CA ASP A 153 10.84 11.93 -14.54
C ASP A 153 9.44 12.00 -13.97
N PHE A 154 9.35 11.96 -12.63
CA PHE A 154 8.05 12.13 -11.98
C PHE A 154 7.45 13.52 -12.18
N LEU A 155 8.28 14.54 -12.05
CA LEU A 155 7.80 15.91 -12.20
C LEU A 155 7.29 16.15 -13.62
N ALA A 156 7.93 15.53 -14.61
CA ALA A 156 7.56 15.71 -16.02
C ALA A 156 6.20 15.11 -16.32
N LEU A 157 5.79 14.12 -15.51
CA LEU A 157 4.47 13.49 -15.62
C LEU A 157 3.40 14.15 -14.77
N GLY A 158 3.77 15.21 -14.06
CA GLY A 158 2.85 15.87 -13.16
C GLY A 158 2.65 15.11 -11.86
N LEU A 159 3.52 14.14 -11.58
CA LEU A 159 3.47 13.37 -10.32
C LEU A 159 4.35 14.09 -9.33
N ALA A 160 3.80 15.15 -8.75
CA ALA A 160 4.57 16.14 -8.01
C ALA A 160 4.42 16.11 -6.50
N HIS A 161 3.47 15.32 -6.00
CA HIS A 161 3.21 15.20 -4.58
C HIS A 161 3.10 13.73 -4.14
N VAL A 162 3.66 13.47 -2.99
CA VAL A 162 3.71 12.13 -2.38
C VAL A 162 2.90 12.11 -1.10
N ARG A 163 2.09 11.08 -0.93
CA ARG A 163 1.27 10.92 0.25
C ARG A 163 1.73 9.77 1.17
N PHE A 164 2.24 8.70 0.59
CA PHE A 164 2.72 7.52 1.33
C PHE A 164 3.95 6.95 0.67
N ALA A 165 4.73 6.18 1.43
CA ALA A 165 5.74 5.27 0.87
C ALA A 165 5.67 3.97 1.67
N ALA A 166 5.71 2.85 0.95
CA ALA A 166 5.73 1.49 1.55
C ALA A 166 7.09 0.86 1.19
N VAL A 167 7.94 0.68 2.20
CA VAL A 167 9.31 0.19 2.02
C VAL A 167 9.33 -1.33 2.17
N ASP A 168 9.79 -2.01 1.13
CA ASP A 168 9.81 -3.46 1.06
C ASP A 168 11.20 -3.90 1.55
N TRP A 169 11.24 -4.41 2.76
CA TRP A 169 12.52 -4.78 3.39
C TRP A 169 13.20 -5.93 2.68
N ARG A 170 12.43 -6.82 2.05
CA ARG A 170 12.99 -7.98 1.39
CA ARG A 170 13.00 -7.99 1.37
C ARG A 170 13.68 -7.59 0.08
N HIS A 171 13.14 -6.60 -0.63
CA HIS A 171 13.67 -6.22 -1.93
C HIS A 171 14.43 -4.91 -2.06
N HIS A 172 14.75 -4.23 -0.95
N HIS A 172 14.64 -4.22 -0.94
CA HIS A 172 15.37 -2.87 -0.97
CA HIS A 172 15.35 -2.94 -0.92
C HIS A 172 14.70 -2.04 -2.07
C HIS A 172 14.71 -1.96 -1.94
N SER A 173 13.37 -1.96 -1.97
CA SER A 173 12.58 -1.14 -2.90
C SER A 173 11.51 -0.39 -2.08
N ALA A 174 10.97 0.67 -2.66
CA ALA A 174 9.84 1.38 -2.06
C ALA A 174 8.76 1.57 -3.11
N ASN A 175 7.53 1.45 -2.67
CA ASN A 175 6.38 1.79 -3.48
C ASN A 175 6.02 3.21 -3.05
N VAL A 176 6.18 4.17 -3.95
CA VAL A 176 5.94 5.56 -3.59
C VAL A 176 4.59 5.97 -4.16
N TYR A 177 3.74 6.56 -3.31
CA TYR A 177 2.33 6.81 -3.64
C TYR A 177 2.20 8.30 -3.95
N PHE A 178 1.99 8.59 -5.22
CA PHE A 178 1.77 9.97 -5.72
C PHE A 178 0.27 10.21 -5.91
N ARG A 179 -0.12 11.49 -5.86
CA ARG A 179 -1.44 11.90 -6.34
C ARG A 179 -1.21 12.96 -7.42
N GLY A 180 -1.92 12.79 -8.53
CA GLY A 180 -1.87 13.66 -9.67
C GLY A 180 -3.19 14.38 -9.86
N LYS A 181 -3.13 15.50 -10.58
CA LYS A 181 -4.32 16.23 -10.99
C LYS A 181 -4.90 15.57 -12.21
N GLY A 182 -6.12 15.09 -12.11
CA GLY A 182 -6.70 14.38 -13.20
C GLY A 182 -7.85 15.14 -13.88
N PRO A 183 -8.80 14.42 -14.48
CA PRO A 183 -8.87 12.96 -14.51
C PRO A 183 -7.71 12.28 -15.22
N LEU A 184 -7.46 11.04 -14.85
CA LEU A 184 -6.55 10.18 -15.58
C LEU A 184 -7.15 9.81 -16.92
N ASP A 185 -6.38 9.96 -17.99
CA ASP A 185 -6.85 9.62 -19.32
C ASP A 185 -5.92 8.58 -19.92
N THR A 186 -6.27 8.10 -21.10
CA THR A 186 -5.60 7.01 -21.77
CA THR A 186 -5.58 6.97 -21.69
C THR A 186 -4.11 7.28 -21.95
N VAL A 187 -3.79 8.52 -22.35
CA VAL A 187 -2.39 8.89 -22.62
C VAL A 187 -1.57 8.98 -21.34
N GLN A 188 -2.11 9.57 -20.28
CA GLN A 188 -1.40 9.67 -19.03
C GLN A 188 -1.19 8.25 -18.44
N PHE A 189 -2.20 7.40 -18.56
CA PHE A 189 -2.02 6.00 -18.15
C PHE A 189 -0.84 5.42 -18.92
N ALA A 190 -0.84 5.58 -20.26
CA ALA A 190 0.23 5.04 -21.10
C ALA A 190 1.59 5.55 -20.67
N ARG A 191 1.72 6.84 -20.34
CA ARG A 191 3.02 7.41 -19.93
CA ARG A 191 3.01 7.42 -19.92
C ARG A 191 3.48 6.82 -18.59
N ILE A 192 2.53 6.62 -17.69
CA ILE A 192 2.88 6.05 -16.39
C ILE A 192 3.23 4.57 -16.53
N HIS A 193 2.40 3.82 -17.22
CA HIS A 193 2.65 2.42 -17.46
C HIS A 193 4.03 2.21 -18.12
N ALA A 194 4.39 3.08 -19.06
CA ALA A 194 5.65 3.00 -19.77
C ALA A 194 6.88 3.06 -18.85
N LEU A 195 6.75 3.65 -17.67
CA LEU A 195 7.85 3.69 -16.70
C LEU A 195 8.29 2.29 -16.28
N SER A 196 7.38 1.33 -16.37
CA SER A 196 7.64 -0.04 -15.92
C SER A 196 8.45 -0.81 -16.93
N GLY A 197 8.37 -0.40 -18.18
CA GLY A 197 8.99 -1.12 -19.31
C GLY A 197 8.27 -2.38 -19.73
N SER A 198 7.08 -2.62 -19.18
CA SER A 198 6.34 -3.81 -19.47
C SER A 198 5.42 -3.61 -20.66
N THR A 199 4.89 -4.71 -21.21
CA THR A 199 4.15 -4.68 -22.47
C THR A 199 2.86 -3.86 -22.29
N PRO A 200 2.59 -2.91 -23.19
CA PRO A 200 1.30 -2.18 -23.10
C PRO A 200 0.07 -3.07 -23.09
N PRO A 201 -0.89 -2.81 -22.19
CA PRO A 201 -2.10 -3.61 -22.17
C PRO A 201 -3.08 -3.21 -23.27
N ALA A 202 -4.04 -4.09 -23.50
CA ALA A 202 -5.12 -3.86 -24.43
C ALA A 202 -6.04 -2.78 -23.91
N ALA A 203 -6.79 -2.18 -24.83
CA ALA A 203 -7.53 -0.97 -24.48
C ALA A 203 -8.58 -1.16 -23.41
N HIS A 204 -9.20 -2.33 -23.35
CA HIS A 204 -10.24 -2.55 -22.34
C HIS A 204 -9.67 -2.70 -20.91
N VAL A 205 -8.42 -3.13 -20.80
CA VAL A 205 -7.73 -3.12 -19.51
C VAL A 205 -7.63 -1.70 -18.97
N VAL A 206 -7.18 -0.81 -19.84
CA VAL A 206 -7.02 0.58 -19.48
C VAL A 206 -8.37 1.22 -19.20
N GLU A 207 -9.35 0.97 -20.07
CA GLU A 207 -10.69 1.56 -19.90
C GLU A 207 -11.29 1.22 -18.53
N GLU A 208 -11.11 -0.02 -18.13
CA GLU A 208 -11.62 -0.46 -16.82
C GLU A 208 -10.87 0.22 -15.68
N VAL A 209 -9.53 0.28 -15.73
CA VAL A 209 -8.83 0.98 -14.66
C VAL A 209 -9.32 2.41 -14.54
N LEU A 210 -9.41 3.11 -15.68
CA LEU A 210 -9.82 4.51 -15.68
C LEU A 210 -11.23 4.71 -15.08
N ALA A 211 -12.10 3.76 -15.34
CA ALA A 211 -13.51 3.75 -14.83
C ALA A 211 -13.58 3.73 -13.30
N TYR A 212 -12.51 3.22 -12.65
CA TYR A 212 -12.45 3.06 -11.21
C TYR A 212 -11.66 4.09 -10.47
N MET A 213 -11.12 5.09 -11.19
CA MET A 213 -10.31 6.11 -10.58
C MET A 213 -11.12 7.34 -10.13
N PRO A 214 -10.79 7.88 -8.96
CA PRO A 214 -11.20 9.24 -8.65
C PRO A 214 -10.57 10.25 -9.62
N GLU A 215 -11.18 11.43 -9.70
CA GLU A 215 -10.67 12.43 -10.64
C GLU A 215 -9.20 12.75 -10.39
N ASP A 216 -8.83 13.05 -9.15
CA ASP A 216 -7.45 13.28 -8.82
C ASP A 216 -6.87 11.94 -8.28
N TYR A 217 -6.15 11.27 -9.16
CA TYR A 217 -5.86 9.84 -9.05
C TYR A 217 -4.57 9.60 -8.26
N SER A 218 -4.44 8.38 -7.75
CA SER A 218 -3.25 7.92 -7.11
C SER A 218 -2.47 6.99 -8.03
N VAL A 219 -1.16 6.88 -7.83
CA VAL A 219 -0.43 5.78 -8.45
C VAL A 219 0.71 5.39 -7.52
N ALA A 220 0.91 4.09 -7.36
CA ALA A 220 2.02 3.57 -6.56
C ALA A 220 3.11 3.12 -7.52
N ILE A 221 4.29 3.69 -7.38
CA ILE A 221 5.40 3.42 -8.30
C ILE A 221 6.49 2.67 -7.52
N THR A 222 6.89 1.50 -8.04
CA THR A 222 7.92 0.66 -7.40
C THR A 222 9.30 1.11 -7.85
N LEU A 223 10.09 1.55 -6.89
CA LEU A 223 11.39 2.15 -7.14
C LEU A 223 12.49 1.33 -6.42
N ASP A 224 13.46 0.83 -7.18
CA ASP A 224 14.63 0.15 -6.63
C ASP A 224 15.48 1.24 -5.96
N LEU A 225 15.76 1.05 -4.68
CA LEU A 225 16.37 2.12 -3.90
C LEU A 225 17.89 2.14 -4.01
N HIS A 226 18.45 1.18 -4.75
CA HIS A 226 19.87 1.22 -5.13
CA HIS A 226 19.87 1.23 -5.12
C HIS A 226 20.07 1.79 -6.54
N SER A 227 19.29 1.32 -7.51
CA SER A 227 19.48 1.66 -8.92
C SER A 227 18.58 2.75 -9.47
N GLY A 228 17.46 3.01 -8.80
CA GLY A 228 16.48 3.94 -9.35
C GLY A 228 15.62 3.32 -10.44
N ASP A 229 15.81 2.04 -10.74
CA ASP A 229 14.99 1.36 -11.74
CA ASP A 229 14.99 1.36 -11.73
C ASP A 229 13.53 1.33 -11.24
N ILE A 230 12.59 1.43 -12.19
CA ILE A 230 11.17 1.30 -11.94
C ILE A 230 10.76 0.07 -12.72
N GLU A 231 10.31 -0.98 -12.05
N GLU A 231 10.28 -0.91 -11.96
CA GLU A 231 9.83 -2.16 -12.79
CA GLU A 231 9.90 -2.24 -12.42
C GLU A 231 8.37 -2.51 -12.45
C GLU A 231 8.38 -2.42 -12.55
N ARG A 232 7.62 -1.61 -11.82
CA ARG A 232 6.19 -1.87 -11.56
C ARG A 232 5.46 -0.58 -11.20
N VAL A 233 4.22 -0.46 -11.67
CA VAL A 233 3.33 0.61 -11.29
C VAL A 233 1.97 -0.05 -10.94
N CYS A 234 1.23 0.64 -10.10
CA CYS A 234 -0.02 0.13 -9.55
CA CYS A 234 -0.05 0.12 -9.64
C CYS A 234 -1.04 1.25 -9.45
N PHE A 235 -2.26 0.98 -9.92
CA PHE A 235 -3.41 1.86 -9.75
C PHE A 235 -4.41 1.09 -8.90
N TYR A 236 -5.12 1.79 -8.04
CA TYR A 236 -6.03 1.10 -7.16
C TYR A 236 -7.29 1.92 -6.88
N ALA A 237 -8.31 1.22 -6.41
CA ALA A 237 -9.64 1.77 -6.10
C ALA A 237 -9.97 1.35 -4.66
N LEU A 238 -10.36 2.32 -3.84
CA LEU A 238 -10.63 2.11 -2.40
C LEU A 238 -12.15 1.98 -2.11
N LYS A 239 -12.48 1.01 -1.26
CA LYS A 239 -13.86 0.79 -0.74
C LYS A 239 -14.84 0.57 -1.86
N VAL A 240 -14.51 -0.38 -2.71
CA VAL A 240 -15.34 -0.74 -3.81
C VAL A 240 -16.41 -1.69 -3.27
N PRO A 241 -17.68 -1.36 -3.47
CA PRO A 241 -18.73 -2.24 -2.93
C PRO A 241 -18.74 -3.55 -3.67
N LYS A 242 -19.12 -4.63 -2.99
CA LYS A 242 -19.06 -5.94 -3.63
C LYS A 242 -19.91 -6.02 -4.89
N ASN A 243 -21.00 -5.29 -4.97
CA ASN A 243 -21.80 -5.34 -6.22
C ASN A 243 -21.28 -4.46 -7.36
N ALA A 244 -20.14 -3.80 -7.17
CA ALA A 244 -19.57 -2.90 -8.20
C ALA A 244 -18.10 -3.29 -8.46
N LEU A 245 -17.71 -4.48 -8.05
CA LEU A 245 -16.33 -4.94 -8.26
C LEU A 245 -16.03 -5.00 -9.76
N PRO A 246 -14.78 -4.67 -10.11
CA PRO A 246 -14.36 -4.89 -11.48
C PRO A 246 -14.22 -6.39 -11.73
N ARG A 247 -13.82 -6.78 -12.94
CA ARG A 247 -13.47 -8.17 -13.22
C ARG A 247 -12.28 -8.54 -12.34
N ILE A 248 -12.36 -9.70 -11.67
CA ILE A 248 -11.28 -10.08 -10.73
C ILE A 248 -10.89 -11.52 -10.90
N PRO A 249 -9.62 -11.83 -10.67
CA PRO A 249 -9.18 -13.23 -10.70
C PRO A 249 -9.93 -14.06 -9.66
N THR A 250 -10.14 -15.32 -9.98
CA THR A 250 -10.83 -16.22 -9.06
C THR A 250 -10.16 -16.26 -7.68
N ARG A 251 -8.82 -16.12 -7.59
CA ARG A 251 -8.16 -16.11 -6.29
C ARG A 251 -8.52 -14.90 -5.47
N ILE A 252 -8.69 -13.75 -6.12
CA ILE A 252 -9.13 -12.56 -5.44
C ILE A 252 -10.60 -12.67 -4.99
N ALA A 253 -11.45 -13.22 -5.84
CA ALA A 253 -12.85 -13.42 -5.46
C ALA A 253 -12.97 -14.31 -4.22
N ARG A 254 -12.21 -15.40 -4.23
CA ARG A 254 -12.11 -16.28 -3.06
C ARG A 254 -11.63 -15.55 -1.81
N PHE A 255 -10.53 -14.81 -1.92
CA PHE A 255 -10.03 -14.02 -0.83
C PHE A 255 -11.08 -13.10 -0.23
N LEU A 256 -11.81 -12.38 -1.07
CA LEU A 256 -12.79 -11.41 -0.58
C LEU A 256 -13.99 -12.09 0.10
N GLU A 257 -14.22 -13.35 -0.26
CA GLU A 257 -15.29 -14.18 0.30
CA GLU A 257 -15.30 -14.13 0.34
C GLU A 257 -14.86 -14.79 1.65
N VAL A 258 -13.58 -15.13 1.79
CA VAL A 258 -13.13 -15.88 2.99
C VAL A 258 -12.46 -15.05 4.07
N ALA A 259 -11.81 -13.94 3.72
CA ALA A 259 -11.13 -13.11 4.70
C ALA A 259 -12.21 -12.37 5.53
N PRO A 260 -12.21 -12.54 6.86
CA PRO A 260 -13.32 -11.95 7.64
C PRO A 260 -13.14 -10.43 7.84
N SER A 261 -14.26 -9.70 7.78
CA SER A 261 -14.32 -8.30 8.10
C SER A 261 -15.37 -8.06 9.19
N HIS A 262 -14.97 -7.34 10.21
CA HIS A 262 -15.81 -7.00 11.38
C HIS A 262 -16.15 -5.53 11.45
N ASP A 263 -15.60 -4.74 10.53
CA ASP A 263 -15.89 -3.30 10.53
C ASP A 263 -17.38 -3.04 10.25
N VAL A 264 -17.94 -2.00 10.85
CA VAL A 264 -19.34 -1.68 10.57
CA VAL A 264 -19.34 -1.61 10.58
C VAL A 264 -19.48 -1.33 9.10
N GLU A 265 -18.50 -0.60 8.55
CA GLU A 265 -18.44 -0.25 7.15
C GLU A 265 -17.34 -1.08 6.45
N GLU A 266 -17.74 -2.11 5.73
CA GLU A 266 -16.79 -3.00 4.98
C GLU A 266 -15.98 -2.17 4.00
N CYS A 267 -14.68 -2.49 3.86
CA CYS A 267 -13.83 -1.76 2.94
C CYS A 267 -12.97 -2.76 2.17
N ASN A 268 -13.27 -2.93 0.90
CA ASN A 268 -12.45 -3.74 -0.02
C ASN A 268 -11.69 -2.80 -0.94
N VAL A 269 -10.48 -3.22 -1.30
CA VAL A 269 -9.57 -2.43 -2.12
C VAL A 269 -9.15 -3.36 -3.26
N ILE A 270 -9.16 -2.85 -4.49
CA ILE A 270 -8.65 -3.57 -5.68
C ILE A 270 -7.50 -2.77 -6.27
N GLY A 271 -6.38 -3.45 -6.57
CA GLY A 271 -5.22 -2.80 -7.20
C GLY A 271 -4.80 -3.55 -8.46
N TRP A 272 -4.44 -2.81 -9.51
CA TRP A 272 -3.95 -3.41 -10.71
C TRP A 272 -2.47 -3.14 -10.77
N SER A 273 -1.66 -4.20 -10.73
CA SER A 273 -0.22 -4.05 -10.70
C SER A 273 0.35 -4.49 -12.02
N PHE A 274 1.13 -3.61 -12.64
CA PHE A 274 1.71 -3.85 -13.98
C PHE A 274 3.23 -3.79 -13.85
N GLY A 275 3.90 -4.84 -14.29
CA GLY A 275 5.35 -4.90 -14.20
C GLY A 275 5.96 -5.97 -15.05
N ARG A 276 7.26 -5.85 -15.30
CA ARG A 276 7.97 -6.69 -16.25
C ARG A 276 7.95 -8.15 -15.88
N SER A 277 7.95 -8.47 -14.59
CA SER A 277 7.90 -9.87 -14.16
C SER A 277 6.50 -10.54 -14.35
N GLY A 278 5.50 -9.74 -14.69
CA GLY A 278 4.12 -10.22 -14.83
C GLY A 278 3.14 -9.33 -14.09
N ASP A 279 1.97 -9.16 -14.67
CA ASP A 279 0.93 -8.35 -14.06
C ASP A 279 0.19 -9.19 -13.02
N TYR A 280 -0.44 -8.53 -12.07
CA TYR A 280 -1.36 -9.20 -11.17
C TYR A 280 -2.36 -8.22 -10.60
N VAL A 281 -3.32 -8.78 -9.85
CA VAL A 281 -4.30 -7.99 -9.15
C VAL A 281 -4.06 -8.15 -7.65
N LYS A 282 -4.06 -7.03 -6.96
N LYS A 282 -4.09 -7.06 -6.93
CA LYS A 282 -3.91 -6.92 -5.49
CA LYS A 282 -4.01 -7.15 -5.48
C LYS A 282 -5.33 -6.71 -4.89
C LYS A 282 -5.34 -6.75 -4.89
N ALA A 283 -5.56 -7.18 -3.66
CA ALA A 283 -6.80 -6.84 -2.97
C ALA A 283 -6.51 -6.69 -1.49
N GLU A 284 -7.25 -5.79 -0.83
CA GLU A 284 -7.22 -5.65 0.61
C GLU A 284 -8.66 -5.70 1.14
N ARG A 285 -8.81 -6.13 2.38
CA ARG A 285 -10.13 -6.21 2.99
C ARG A 285 -10.01 -5.91 4.45
N SER A 286 -10.84 -4.97 4.91
CA SER A 286 -10.99 -4.60 6.30
C SER A 286 -11.16 -5.83 7.20
N TYR A 287 -10.61 -5.72 8.40
CA TYR A 287 -10.80 -6.70 9.47
C TYR A 287 -11.43 -6.04 10.72
N THR A 288 -10.65 -5.24 11.44
CA THR A 288 -11.11 -4.55 12.64
C THR A 288 -10.55 -3.14 12.69
N GLY A 289 -11.15 -2.29 13.51
CA GLY A 289 -10.55 -0.98 13.82
C GLY A 289 -10.77 0.14 12.83
N ASN A 290 -11.70 -0.08 11.93
CA ASN A 290 -12.26 0.97 11.08
C ASN A 290 -11.30 1.53 10.02
N MET A 291 -10.98 0.64 9.09
CA MET A 291 -10.12 0.97 7.95
C MET A 291 -10.62 2.22 7.20
N ALA A 292 -11.89 2.21 6.79
CA ALA A 292 -12.42 3.37 6.04
C ALA A 292 -12.24 4.69 6.76
N GLU A 293 -12.40 4.70 8.09
CA GLU A 293 -12.23 5.93 8.89
CA GLU A 293 -12.23 5.94 8.84
C GLU A 293 -10.81 6.49 8.82
N ILE A 294 -9.81 5.60 8.95
CA ILE A 294 -8.42 6.03 8.97
C ILE A 294 -8.03 6.56 7.58
N LEU A 295 -8.50 5.89 6.53
CA LEU A 295 -8.24 6.31 5.15
C LEU A 295 -8.90 7.68 4.87
N ALA A 296 -10.12 7.89 5.34
CA ALA A 296 -10.81 9.19 5.17
C ALA A 296 -10.04 10.30 5.85
N GLY A 297 -9.50 9.99 7.03
CA GLY A 297 -8.71 10.92 7.78
C GLY A 297 -7.41 11.30 7.10
N TRP A 298 -6.89 10.40 6.27
CA TRP A 298 -5.73 10.69 5.45
C TRP A 298 -6.04 11.32 4.09
N ASN A 299 -7.30 11.71 3.87
CA ASN A 299 -7.81 12.31 2.62
CA ASN A 299 -7.73 12.33 2.64
C ASN A 299 -7.70 11.38 1.42
N CYS A 300 -7.90 10.06 1.66
CA CYS A 300 -8.06 9.12 0.58
C CYS A 300 -9.44 9.35 -0.02
N PHE A 301 -9.57 9.02 -1.31
CA PHE A 301 -10.83 9.10 -2.02
C PHE A 301 -11.38 7.73 -2.26
N PHE A 302 -12.67 7.57 -2.04
CA PHE A 302 -13.34 6.28 -2.18
C PHE A 302 -14.14 6.18 -3.46
N HIS A 303 -14.35 4.94 -3.86
CA HIS A 303 -15.14 4.63 -5.03
C HIS A 303 -16.52 5.30 -4.93
N GLY A 304 -16.95 5.93 -6.02
CA GLY A 304 -18.27 6.57 -6.06
C GLY A 304 -18.39 7.89 -5.35
N GLU A 305 -17.28 8.42 -4.84
CA GLU A 305 -17.31 9.72 -4.17
C GLU A 305 -16.60 10.74 -5.04
N GLU A 306 -16.69 11.98 -4.56
N GLU A 306 -16.63 12.03 -4.70
CA GLU A 306 -15.91 13.06 -5.11
CA GLU A 306 -16.19 13.11 -5.65
C GLU A 306 -14.47 12.74 -4.78
C GLU A 306 -14.76 12.94 -6.20
N GLY A 307 -13.65 12.84 -5.81
N GLY A 307 -13.79 12.88 -5.29
CA GLY A 307 -12.23 12.62 -5.68
CA GLY A 307 -12.40 12.64 -5.64
C GLY A 307 -11.48 13.83 -6.18
C GLY A 307 -11.66 13.80 -6.27
N ARG A 308 -11.96 15.01 -5.84
CA ARG A 308 -11.27 16.24 -6.20
CA ARG A 308 -11.21 16.19 -6.23
C ARG A 308 -10.42 16.70 -5.03
N ASP A 309 -9.12 16.92 -5.25
CA ASP A 309 -8.24 17.37 -4.20
C ASP A 309 -8.04 18.87 -4.37
N HIS A 310 -8.77 19.64 -3.56
CA HIS A 310 -8.76 21.10 -3.71
C HIS A 310 -7.43 21.68 -3.27
N ASP A 311 -6.83 21.11 -2.24
CA ASP A 311 -5.49 21.51 -1.84
C ASP A 311 -4.49 21.28 -2.96
N LEU A 312 -4.57 20.11 -3.59
CA LEU A 312 -3.65 19.80 -4.68
C LEU A 312 -3.81 20.82 -5.81
N ARG A 313 -5.05 21.15 -6.10
CA ARG A 313 -5.34 22.02 -7.23
C ARG A 313 -4.83 23.44 -6.97
N ALA A 314 -4.88 23.89 -5.71
CA ALA A 314 -4.20 25.13 -5.29
C ALA A 314 -2.66 25.05 -5.43
N LEU A 315 -2.05 23.92 -5.08
CA LEU A 315 -0.60 23.78 -5.14
C LEU A 315 -0.10 23.76 -6.59
N HIS A 316 -0.86 23.13 -7.48
CA HIS A 316 -0.54 23.13 -8.91
C HIS A 316 -0.72 24.50 -9.58
N GLN A 317 -1.68 25.31 -9.11
CA GLN A 317 -1.92 26.67 -9.68
C GLN A 317 -0.74 27.63 -9.46
N HIS A 318 -0.15 27.61 -8.26
CA HIS A 318 1.02 28.48 -7.93
C HIS A 318 2.21 28.25 -8.87
C1 EDO B . 2.83 -4.95 22.28
O1 EDO B . 2.13 -3.91 21.58
C2 EDO B . 3.53 -4.40 23.52
O2 EDO B . 2.59 -4.42 24.60
C FMT C . 2.40 -1.58 -0.94
O1 FMT C . 2.37 -2.81 -0.95
O2 FMT C . 2.27 -0.93 -1.98
C FMT D . -1.39 -13.30 -11.33
O1 FMT D . -2.44 -12.65 -11.55
O2 FMT D . -0.97 -14.14 -12.14
C FMT E . -7.38 7.43 -3.42
O1 FMT E . -6.99 8.09 -2.47
O2 FMT E . -6.57 6.78 -4.14
C FMT F . -2.71 13.72 2.28
O1 FMT F . -3.09 13.87 3.48
O2 FMT F . -3.47 13.65 1.29
C FMT G . 11.54 18.90 5.03
O1 FMT G . 11.60 18.35 6.16
O2 FMT G . 12.14 18.50 4.02
C FMT H . 4.72 -11.97 -11.23
O1 FMT H . 5.20 -10.95 -10.71
O2 FMT H . 3.51 -12.11 -11.54
C FMT I . -6.67 -7.52 22.37
O1 FMT I . -6.87 -8.74 22.30
O2 FMT I . -5.56 -7.01 22.17
C FMT J . -0.63 -18.38 14.55
O1 FMT J . 0.34 -18.05 15.25
O2 FMT J . -0.70 -19.53 14.10
C FMT K . 7.45 -21.05 12.34
O1 FMT K . 6.89 -21.74 13.24
O2 FMT K . 7.49 -19.80 12.30
#